data_8R07
#
_entry.id   8R07
#
_cell.length_a   48.456
_cell.length_b   40.320
_cell.length_c   54.637
_cell.angle_alpha   90.000
_cell.angle_beta   90.235
_cell.angle_gamma   90.000
#
_symmetry.space_group_name_H-M   'P 1 21 1'
#
loop_
_entity.id
_entity.type
_entity.pdbx_description
1 polymer 'Nuclear factor of activated T-cells, cytoplasmic 2'
2 water water
#
_entity_poly.entity_id   1
_entity_poly.type   'polypeptide(L)'
_entity_poly.pdbx_seq_one_letter_code
;GHELPMVERQDTDSCLVYGGQQMILTGQNFTSESKVVFTEKTTDGQQIWEMEATVDKDKSQPNMLFVEIPEYRNKHIRTP
VKVNFYVINGKRKRSQPQHFTYHPV
;
_entity_poly.pdbx_strand_id   A,B
#
# COMPACT_ATOMS: atom_id res chain seq x y z
N LEU A 4 -6.09 -16.61 -5.62
CA LEU A 4 -5.68 -15.68 -4.56
C LEU A 4 -6.71 -14.51 -4.54
N PRO A 5 -7.14 -14.04 -3.37
CA PRO A 5 -8.04 -12.87 -3.39
C PRO A 5 -7.30 -11.66 -3.92
N MET A 6 -7.98 -10.87 -4.75
CA MET A 6 -7.41 -9.63 -5.29
C MET A 6 -8.38 -8.51 -5.02
N VAL A 7 -7.86 -7.39 -4.53
CA VAL A 7 -8.65 -6.17 -4.32
C VAL A 7 -8.33 -5.18 -5.43
N GLU A 8 -9.31 -4.89 -6.29
CA GLU A 8 -9.09 -3.96 -7.41
C GLU A 8 -9.39 -2.51 -6.97
N ARG A 9 -10.38 -2.34 -6.08
CA ARG A 9 -10.74 -1.03 -5.61
C ARG A 9 -11.52 -1.12 -4.28
N GLN A 10 -11.65 0.02 -3.65
CA GLN A 10 -12.39 0.18 -2.41
C GLN A 10 -13.13 1.51 -2.47
N ASP A 11 -14.36 1.56 -1.93
CA ASP A 11 -15.16 2.77 -2.01
C ASP A 11 -14.90 3.73 -0.87
N THR A 12 -14.03 3.38 0.07
CA THR A 12 -13.71 4.19 1.25
C THR A 12 -12.21 4.06 1.52
N ASP A 13 -11.55 5.21 1.70
N ASP A 13 -11.49 5.16 1.69
CA ASP A 13 -10.12 5.29 2.01
CA ASP A 13 -10.11 5.01 2.16
C ASP A 13 -9.83 5.72 3.45
C ASP A 13 -9.81 5.70 3.48
N SER A 14 -10.83 6.21 4.16
CA SER A 14 -10.64 6.76 5.51
C SER A 14 -11.94 6.78 6.26
N CYS A 15 -11.83 6.99 7.57
CA CYS A 15 -12.97 7.28 8.43
CA CYS A 15 -12.95 7.02 8.51
C CYS A 15 -12.45 7.72 9.78
N LEU A 16 -13.40 8.21 10.60
CA LEU A 16 -13.05 8.58 11.97
C LEU A 16 -12.62 7.33 12.75
N VAL A 17 -11.91 7.56 13.88
CA VAL A 17 -11.31 6.46 14.66
C VAL A 17 -12.32 5.45 15.17
N TYR A 18 -13.60 5.84 15.36
CA TYR A 18 -14.55 4.85 15.87
C TYR A 18 -14.82 3.72 14.90
N GLY A 19 -14.58 3.94 13.63
CA GLY A 19 -14.95 2.94 12.66
C GLY A 19 -16.47 2.83 12.62
N GLY A 20 -16.95 1.63 12.35
CA GLY A 20 -18.38 1.37 12.44
C GLY A 20 -19.15 1.85 11.24
N GLN A 21 -18.52 1.82 10.06
N GLN A 21 -18.50 1.90 10.07
CA GLN A 21 -19.10 2.19 8.79
CA GLN A 21 -19.11 2.21 8.79
C GLN A 21 -18.74 1.13 7.75
C GLN A 21 -18.75 1.14 7.76
N GLN A 22 -19.59 1.01 6.75
CA GLN A 22 -19.40 0.01 5.68
C GLN A 22 -18.41 0.50 4.61
N MET A 23 -17.51 -0.39 4.23
CA MET A 23 -16.63 -0.31 3.10
C MET A 23 -16.97 -1.37 2.11
N ILE A 24 -17.04 -1.04 0.83
CA ILE A 24 -17.21 -2.03 -0.22
C ILE A 24 -15.90 -2.22 -0.97
N LEU A 25 -15.46 -3.47 -1.05
CA LEU A 25 -14.26 -3.87 -1.80
C LEU A 25 -14.71 -4.55 -3.08
N THR A 26 -14.09 -4.17 -4.18
CA THR A 26 -14.38 -4.81 -5.47
C THR A 26 -13.13 -5.54 -5.91
N GLY A 27 -13.30 -6.74 -6.38
CA GLY A 27 -12.15 -7.51 -6.85
C GLY A 27 -12.50 -8.89 -7.38
N GLN A 28 -11.61 -9.86 -7.12
CA GLN A 28 -11.75 -11.18 -7.64
C GLN A 28 -11.40 -12.23 -6.60
N ASN A 29 -12.03 -13.38 -6.74
CA ASN A 29 -11.73 -14.60 -5.95
C ASN A 29 -12.04 -14.47 -4.47
N PHE A 30 -13.07 -13.70 -4.15
CA PHE A 30 -13.63 -13.72 -2.81
C PHE A 30 -14.57 -14.92 -2.70
N THR A 31 -14.76 -15.41 -1.49
CA THR A 31 -15.63 -16.55 -1.26
C THR A 31 -16.44 -16.28 0.01
N SER A 32 -17.35 -17.20 0.31
CA SER A 32 -18.09 -17.15 1.55
C SER A 32 -17.18 -17.22 2.77
N GLU A 33 -15.97 -17.72 2.64
CA GLU A 33 -15.06 -17.84 3.75
C GLU A 33 -13.99 -16.71 3.78
N SER A 34 -14.06 -15.76 2.88
CA SER A 34 -13.12 -14.65 2.89
C SER A 34 -13.20 -13.86 4.21
N LYS A 35 -12.05 -13.53 4.74
CA LYS A 35 -11.94 -12.66 5.90
C LYS A 35 -11.27 -11.35 5.49
N VAL A 36 -11.57 -10.29 6.21
CA VAL A 36 -10.87 -9.00 6.10
C VAL A 36 -10.20 -8.69 7.42
N VAL A 37 -8.89 -8.43 7.39
CA VAL A 37 -8.13 -8.18 8.57
C VAL A 37 -7.36 -6.89 8.44
N PHE A 38 -7.50 -6.02 9.45
CA PHE A 38 -6.78 -4.75 9.50
C PHE A 38 -5.53 -4.95 10.34
N THR A 39 -4.44 -4.35 9.88
CA THR A 39 -3.17 -4.45 10.59
C THR A 39 -2.44 -3.10 10.51
N GLU A 40 -1.48 -2.96 11.39
CA GLU A 40 -0.55 -1.83 11.35
C GLU A 40 0.84 -2.29 11.76
N LYS A 41 1.84 -1.78 11.05
CA LYS A 41 3.23 -2.06 11.46
C LYS A 41 3.98 -0.74 11.71
N THR A 42 5.07 -0.86 12.47
CA THR A 42 6.07 0.17 12.56
C THR A 42 6.96 0.14 11.29
N THR A 43 7.76 1.24 11.10
CA THR A 43 8.66 1.27 9.97
C THR A 43 9.57 0.05 9.94
N ASP A 44 9.99 -0.42 11.10
CA ASP A 44 10.89 -1.58 11.14
C ASP A 44 10.17 -2.91 10.97
N GLY A 45 8.87 -2.92 10.72
CA GLY A 45 8.13 -4.10 10.39
C GLY A 45 7.47 -4.84 11.54
N GLN A 46 7.51 -4.30 12.76
CA GLN A 46 6.88 -4.95 13.88
C GLN A 46 5.40 -4.66 13.82
N GLN A 47 4.59 -5.71 13.92
CA GLN A 47 3.14 -5.57 13.84
C GLN A 47 2.64 -5.08 15.20
N ILE A 48 1.98 -3.93 15.23
CA ILE A 48 1.51 -3.38 16.48
C ILE A 48 0.00 -3.31 16.57
N TRP A 49 -0.72 -3.82 15.59
CA TRP A 49 -2.15 -3.91 15.61
C TRP A 49 -2.65 -4.96 14.63
N GLU A 50 -3.71 -5.66 15.03
CA GLU A 50 -4.47 -6.59 14.17
C GLU A 50 -5.91 -6.61 14.64
N MET A 51 -6.83 -6.49 13.73
CA MET A 51 -8.24 -6.61 14.05
C MET A 51 -9.03 -7.13 12.85
N GLU A 52 -9.63 -8.29 13.00
CA GLU A 52 -10.52 -8.83 11.98
C GLU A 52 -11.76 -7.95 11.92
N ALA A 53 -12.19 -7.67 10.69
CA ALA A 53 -13.35 -6.82 10.40
C ALA A 53 -14.55 -7.74 10.10
N THR A 54 -15.73 -7.34 10.57
CA THR A 54 -16.94 -8.07 10.27
C THR A 54 -17.38 -7.89 8.83
N VAL A 55 -17.58 -9.01 8.14
CA VAL A 55 -18.03 -9.10 6.76
C VAL A 55 -19.49 -9.53 6.74
N ASP A 56 -20.30 -8.88 5.93
CA ASP A 56 -21.68 -9.27 5.73
C ASP A 56 -21.66 -10.37 4.67
N LYS A 57 -21.66 -11.60 5.16
CA LYS A 57 -21.55 -12.72 4.23
C LYS A 57 -22.77 -12.90 3.33
N ASP A 58 -23.93 -12.34 3.70
CA ASP A 58 -25.09 -12.47 2.83
C ASP A 58 -25.07 -11.48 1.65
N LYS A 59 -24.48 -10.29 1.80
CA LYS A 59 -24.42 -9.40 0.66
C LYS A 59 -23.19 -9.66 -0.23
N SER A 60 -22.19 -10.33 0.30
CA SER A 60 -20.90 -10.45 -0.37
C SER A 60 -20.94 -11.59 -1.42
N GLN A 61 -20.05 -11.46 -2.40
CA GLN A 61 -20.04 -12.29 -3.60
C GLN A 61 -18.62 -12.31 -4.14
N PRO A 62 -18.36 -13.13 -5.14
CA PRO A 62 -16.96 -13.35 -5.54
C PRO A 62 -16.23 -12.10 -5.96
N ASN A 63 -16.94 -11.03 -6.35
CA ASN A 63 -16.28 -9.81 -6.74
C ASN A 63 -16.62 -8.62 -5.84
N MET A 64 -17.34 -8.83 -4.74
CA MET A 64 -17.65 -7.73 -3.79
C MET A 64 -17.71 -8.25 -2.36
N LEU A 65 -17.04 -7.55 -1.48
CA LEU A 65 -17.14 -7.77 -0.05
C LEU A 65 -17.67 -6.50 0.60
N PHE A 66 -18.54 -6.72 1.58
CA PHE A 66 -19.20 -5.67 2.33
C PHE A 66 -18.66 -5.76 3.78
N VAL A 67 -17.88 -4.77 4.17
CA VAL A 67 -17.01 -4.84 5.34
C VAL A 67 -17.34 -3.71 6.32
N GLU A 68 -17.44 -4.05 7.60
CA GLU A 68 -17.53 -3.07 8.63
C GLU A 68 -16.11 -2.68 9.09
N ILE A 69 -15.78 -1.42 8.88
CA ILE A 69 -14.49 -0.87 9.31
C ILE A 69 -14.35 -0.96 10.84
N PRO A 70 -13.28 -1.57 11.37
CA PRO A 70 -13.14 -1.68 12.81
C PRO A 70 -12.84 -0.38 13.50
N GLU A 71 -13.13 -0.35 14.84
CA GLU A 71 -12.65 0.72 15.64
C GLU A 71 -11.12 0.65 15.67
N TYR A 72 -10.47 1.80 15.53
CA TYR A 72 -9.01 1.85 15.54
C TYR A 72 -8.50 1.52 16.96
N ARG A 73 -7.25 1.04 17.01
CA ARG A 73 -6.58 0.60 18.23
C ARG A 73 -6.58 1.65 19.35
N ASN A 74 -6.43 2.92 18.99
CA ASN A 74 -6.35 4.01 19.96
C ASN A 74 -7.29 5.09 19.53
N LYS A 75 -8.38 5.23 20.25
CA LYS A 75 -9.38 6.22 19.85
C LYS A 75 -9.00 7.66 20.20
N HIS A 76 -7.86 7.89 20.87
CA HIS A 76 -7.35 9.19 21.31
C HIS A 76 -6.18 9.69 20.49
N ILE A 77 -6.00 9.18 19.27
CA ILE A 77 -4.94 9.74 18.43
C ILE A 77 -5.23 11.23 18.19
N ARG A 78 -4.16 11.96 17.90
CA ARG A 78 -4.25 13.38 17.61
C ARG A 78 -3.99 13.75 16.16
N THR A 79 -3.43 12.84 15.37
CA THR A 79 -3.15 13.06 13.97
C THR A 79 -3.55 11.78 13.27
N PRO A 80 -3.80 11.83 11.97
CA PRO A 80 -4.27 10.63 11.28
C PRO A 80 -3.24 9.53 11.27
N VAL A 81 -3.73 8.31 11.24
CA VAL A 81 -2.89 7.13 11.31
C VAL A 81 -3.16 6.25 10.07
N LYS A 82 -2.09 5.88 9.39
CA LYS A 82 -2.14 5.00 8.23
C LYS A 82 -2.11 3.56 8.71
N VAL A 83 -3.02 2.74 8.21
CA VAL A 83 -3.04 1.29 8.50
C VAL A 83 -3.16 0.50 7.20
N ASN A 84 -3.16 -0.82 7.30
CA ASN A 84 -3.41 -1.69 6.16
C ASN A 84 -4.63 -2.56 6.43
N PHE A 85 -5.14 -3.16 5.36
CA PHE A 85 -6.00 -4.32 5.48
C PHE A 85 -5.71 -5.28 4.35
N TYR A 86 -6.09 -6.55 4.60
CA TYR A 86 -5.90 -7.69 3.73
C TYR A 86 -7.23 -8.43 3.61
N VAL A 87 -7.47 -9.04 2.44
CA VAL A 87 -8.49 -10.07 2.30
C VAL A 87 -7.75 -11.40 2.39
N ILE A 88 -8.28 -12.36 3.12
CA ILE A 88 -7.63 -13.66 3.32
C ILE A 88 -8.66 -14.74 3.06
N ASN A 89 -8.36 -15.68 2.17
CA ASN A 89 -9.27 -16.77 1.93
CA ASN A 89 -9.31 -16.75 1.92
C ASN A 89 -8.95 -17.94 2.90
N ARG A 92 -4.28 -18.76 5.10
CA ARG A 92 -3.41 -17.58 5.06
C ARG A 92 -3.31 -17.08 3.55
N LYS A 93 -4.32 -17.05 2.68
CA LYS A 93 -4.04 -17.43 1.35
C LYS A 93 -4.15 -15.87 1.29
N ARG A 94 -3.25 -14.88 1.39
CA ARG A 94 -3.73 -13.46 1.47
C ARG A 94 -3.53 -12.55 0.26
N SER A 95 -4.38 -11.47 0.18
CA SER A 95 -4.26 -10.44 -0.89
C SER A 95 -3.04 -9.55 -0.63
N GLN A 96 -2.70 -8.72 -1.61
CA GLN A 96 -1.79 -7.60 -1.36
C GLN A 96 -2.37 -6.70 -0.27
N PRO A 97 -1.53 -6.04 0.52
CA PRO A 97 -2.02 -5.09 1.50
C PRO A 97 -2.66 -3.88 0.86
N GLN A 98 -3.77 -3.47 1.42
CA GLN A 98 -4.45 -2.24 1.03
C GLN A 98 -4.18 -1.16 2.07
N HIS A 99 -4.48 0.09 1.71
CA HIS A 99 -4.21 1.25 2.55
C HIS A 99 -5.53 1.85 3.04
N PHE A 100 -5.48 2.39 4.25
CA PHE A 100 -6.65 2.99 4.90
C PHE A 100 -6.08 3.97 5.92
N THR A 101 -6.80 5.07 6.17
CA THR A 101 -6.41 6.04 7.20
C THR A 101 -7.55 6.31 8.18
N TYR A 102 -7.22 6.26 9.46
CA TYR A 102 -8.14 6.69 10.51
C TYR A 102 -7.81 8.13 10.93
N HIS A 103 -8.84 8.89 11.17
CA HIS A 103 -8.70 10.29 11.58
C HIS A 103 -9.22 10.53 12.97
N PRO A 104 -8.61 11.50 13.67
CA PRO A 104 -9.03 11.77 15.03
C PRO A 104 -10.44 12.35 15.11
N VAL A 105 -11.03 12.20 16.30
CA VAL A 105 -12.36 12.74 16.57
C VAL A 105 -12.31 14.25 16.47
N GLY B 1 10.66 -15.40 -3.55
CA GLY B 1 9.89 -16.60 -3.37
C GLY B 1 8.58 -16.61 -4.14
N HIS B 2 7.66 -17.45 -3.70
CA HIS B 2 6.40 -17.65 -4.41
C HIS B 2 5.44 -16.47 -4.23
N GLU B 3 5.22 -16.06 -3.01
CA GLU B 3 4.29 -14.99 -2.71
C GLU B 3 4.86 -13.68 -3.26
N LEU B 4 3.98 -12.84 -3.80
CA LEU B 4 4.37 -11.54 -4.38
C LEU B 4 4.93 -10.59 -3.35
N PRO B 5 5.83 -9.70 -3.77
CA PRO B 5 6.29 -8.64 -2.88
C PRO B 5 5.13 -7.76 -2.50
N MET B 6 5.15 -7.29 -1.25
CA MET B 6 4.07 -6.46 -0.76
C MET B 6 4.62 -5.22 -0.04
N VAL B 7 4.00 -4.06 -0.29
CA VAL B 7 4.39 -2.82 0.34
C VAL B 7 3.29 -2.39 1.30
N GLU B 8 3.61 -2.41 2.59
CA GLU B 8 2.69 -2.02 3.66
C GLU B 8 2.84 -0.55 4.04
N ARG B 9 4.06 0.01 4.05
CA ARG B 9 4.21 1.41 4.28
C ARG B 9 5.43 1.95 3.54
N GLN B 10 5.44 3.26 3.48
CA GLN B 10 6.55 4.01 2.92
C GLN B 10 6.72 5.23 3.85
N ASP B 11 7.95 5.61 4.18
CA ASP B 11 8.21 6.69 5.10
C ASP B 11 8.25 8.07 4.43
N THR B 12 8.05 8.10 3.12
CA THR B 12 8.06 9.26 2.31
C THR B 12 6.97 9.19 1.25
N ASP B 13 6.10 10.22 1.19
CA ASP B 13 5.05 10.29 0.18
C ASP B 13 5.33 11.28 -0.93
N SER B 14 6.30 12.17 -0.74
CA SER B 14 6.61 13.14 -1.75
C SER B 14 7.99 13.73 -1.52
N CYS B 15 8.49 14.38 -2.58
CA CYS B 15 9.77 15.08 -2.48
C CYS B 15 9.93 15.97 -3.70
N LEU B 16 10.92 16.86 -3.62
CA LEU B 16 11.21 17.73 -4.75
C LEU B 16 11.72 16.90 -5.95
N VAL B 17 11.59 17.50 -7.14
CA VAL B 17 12.00 16.87 -8.38
C VAL B 17 13.47 16.43 -8.36
N TYR B 18 14.29 17.04 -7.50
CA TYR B 18 15.70 16.65 -7.51
C TYR B 18 15.94 15.15 -7.24
N GLY B 19 15.07 14.50 -6.50
CA GLY B 19 15.21 13.14 -5.99
C GLY B 19 16.41 13.10 -5.07
N GLY B 20 16.95 11.86 -4.89
CA GLY B 20 18.14 11.62 -4.11
C GLY B 20 17.95 11.29 -2.65
N GLN B 21 16.81 11.61 -2.06
CA GLN B 21 16.59 11.28 -0.66
CA GLN B 21 16.63 11.28 -0.66
C GLN B 21 16.28 9.81 -0.52
N GLN B 22 16.54 9.28 0.66
CA GLN B 22 16.18 7.88 0.96
C GLN B 22 14.72 7.72 1.32
N MET B 23 14.08 6.70 0.74
CA MET B 23 12.75 6.26 1.13
C MET B 23 12.87 4.85 1.72
N ILE B 24 12.21 4.58 2.84
CA ILE B 24 12.17 3.25 3.45
C ILE B 24 10.81 2.62 3.19
N LEU B 25 10.82 1.45 2.60
CA LEU B 25 9.62 0.68 2.36
C LEU B 25 9.55 -0.41 3.40
N THR B 26 8.37 -0.62 3.96
CA THR B 26 8.15 -1.71 4.91
C THR B 26 7.18 -2.69 4.26
N GLY B 27 7.49 -3.94 4.33
CA GLY B 27 6.60 -4.85 3.66
C GLY B 27 6.93 -6.28 3.86
N GLN B 28 6.66 -7.07 2.81
CA GLN B 28 6.84 -8.51 2.88
C GLN B 28 7.46 -9.05 1.59
N ASN B 29 8.22 -10.12 1.73
CA ASN B 29 8.73 -10.94 0.62
C ASN B 29 9.75 -10.22 -0.28
N PHE B 30 10.50 -9.31 0.32
CA PHE B 30 11.64 -8.72 -0.32
C PHE B 30 12.83 -9.65 -0.22
N THR B 31 13.71 -9.57 -1.21
CA THR B 31 14.88 -10.39 -1.28
C THR B 31 16.03 -9.48 -1.65
N SER B 32 17.23 -10.08 -1.70
CA SER B 32 18.43 -9.36 -2.11
C SER B 32 18.39 -8.89 -3.55
N GLU B 33 17.51 -9.45 -4.40
CA GLU B 33 17.40 -9.02 -5.76
C GLU B 33 16.14 -8.21 -6.02
N SER B 34 15.37 -7.86 -4.99
CA SER B 34 14.18 -7.03 -5.21
C SER B 34 14.58 -5.72 -5.88
N LYS B 35 13.81 -5.29 -6.88
CA LYS B 35 13.99 -4.03 -7.56
C LYS B 35 12.82 -3.13 -7.24
N VAL B 36 13.06 -1.84 -7.28
CA VAL B 36 12.00 -0.83 -7.13
C VAL B 36 11.98 0.01 -8.38
N VAL B 37 10.81 0.15 -8.98
CA VAL B 37 10.65 0.86 -10.22
C VAL B 37 9.63 1.98 -10.06
N PHE B 38 10.01 3.20 -10.41
CA PHE B 38 9.10 4.34 -10.45
C PHE B 38 8.53 4.50 -11.84
N THR B 39 7.25 4.86 -11.89
CA THR B 39 6.57 4.95 -13.18
C THR B 39 5.67 6.17 -13.19
N GLU B 40 5.28 6.60 -14.37
CA GLU B 40 4.27 7.65 -14.58
C GLU B 40 3.35 7.21 -15.69
N LYS B 41 2.05 7.49 -15.54
CA LYS B 41 1.05 7.07 -16.49
C LYS B 41 0.23 8.27 -16.97
N THR B 42 -0.37 8.13 -18.13
CA THR B 42 -1.34 9.08 -18.63
C THR B 42 -2.67 8.93 -17.90
N THR B 43 -3.61 9.88 -18.16
CA THR B 43 -4.91 9.77 -17.48
C THR B 43 -5.61 8.47 -17.84
N ASP B 44 -5.41 7.97 -19.08
CA ASP B 44 -6.02 6.70 -19.49
C ASP B 44 -5.23 5.49 -19.04
N GLY B 45 -4.13 5.69 -18.29
CA GLY B 45 -3.46 4.59 -17.61
C GLY B 45 -2.30 3.97 -18.32
N GLN B 46 -1.85 4.54 -19.40
CA GLN B 46 -0.68 4.03 -20.09
C GLN B 46 0.61 4.55 -19.51
N GLN B 47 1.58 3.68 -19.37
CA GLN B 47 2.92 4.11 -18.83
C GLN B 47 3.75 4.94 -19.82
N ILE B 48 4.23 6.10 -19.36
CA ILE B 48 5.05 6.98 -20.20
C ILE B 48 6.40 7.29 -19.59
N TRP B 49 6.69 6.73 -18.44
CA TRP B 49 8.00 6.87 -17.79
C TRP B 49 8.21 5.66 -16.91
N GLU B 50 9.45 5.21 -16.86
CA GLU B 50 9.93 4.14 -16.00
C GLU B 50 11.36 4.43 -15.60
N MET B 51 11.63 4.31 -14.31
CA MET B 51 12.99 4.53 -13.81
C MET B 51 13.22 3.64 -12.60
N GLU B 52 14.18 2.71 -12.70
CA GLU B 52 14.57 1.93 -11.56
C GLU B 52 15.26 2.78 -10.54
N ALA B 53 14.90 2.56 -9.30
CA ALA B 53 15.51 3.25 -8.17
C ALA B 53 16.57 2.37 -7.52
N THR B 54 17.63 2.99 -7.10
CA THR B 54 18.73 2.23 -6.49
C THR B 54 18.38 1.79 -5.08
N VAL B 55 18.48 0.52 -4.85
CA VAL B 55 18.23 -0.08 -3.56
C VAL B 55 19.55 -0.16 -2.82
N ASP B 56 19.57 0.21 -1.53
CA ASP B 56 20.83 0.05 -0.79
C ASP B 56 20.86 -1.41 -0.29
N LYS B 57 21.51 -2.30 -1.04
CA LYS B 57 21.49 -3.72 -0.70
C LYS B 57 22.16 -4.02 0.61
N ASP B 58 22.99 -3.12 1.14
CA ASP B 58 23.68 -3.33 2.43
C ASP B 58 22.79 -2.99 3.63
N LYS B 59 21.60 -2.48 3.39
CA LYS B 59 20.62 -2.29 4.43
C LYS B 59 19.41 -3.24 4.29
N SER B 60 19.29 -4.02 3.21
CA SER B 60 18.00 -4.66 2.91
C SER B 60 17.66 -5.74 3.94
N GLN B 61 16.38 -5.94 4.20
N GLN B 61 16.37 -5.94 4.20
CA GLN B 61 15.82 -6.98 5.04
CA GLN B 61 15.83 -6.98 5.06
C GLN B 61 14.63 -7.59 4.30
C GLN B 61 14.61 -7.56 4.35
N PRO B 62 14.16 -8.76 4.74
CA PRO B 62 12.98 -9.35 4.04
C PRO B 62 11.76 -8.48 4.12
N ASN B 63 11.73 -7.55 5.10
CA ASN B 63 10.60 -6.66 5.27
C ASN B 63 10.92 -5.19 5.19
N MET B 64 12.15 -4.84 4.81
CA MET B 64 12.49 -3.40 4.62
C MET B 64 13.40 -3.25 3.39
N LEU B 65 13.02 -2.30 2.57
CA LEU B 65 13.90 -1.83 1.52
C LEU B 65 14.25 -0.35 1.71
N PHE B 66 15.50 0.01 1.44
CA PHE B 66 16.04 1.35 1.60
C PHE B 66 16.36 1.80 0.18
N VAL B 67 15.60 2.79 -0.33
CA VAL B 67 15.54 3.14 -1.75
C VAL B 67 15.96 4.60 -1.97
N GLU B 68 16.80 4.80 -2.98
CA GLU B 68 17.14 6.15 -3.39
C GLU B 68 16.02 6.66 -4.35
N ILE B 69 15.33 7.70 -3.94
CA ILE B 69 14.26 8.23 -4.80
C ILE B 69 14.89 8.78 -6.08
N PRO B 70 14.43 8.37 -7.27
CA PRO B 70 15.02 8.91 -8.51
C PRO B 70 14.72 10.40 -8.66
N GLU B 71 15.59 11.08 -9.39
CA GLU B 71 15.22 12.43 -9.88
C GLU B 71 14.03 12.26 -10.82
N TYR B 72 13.13 13.21 -10.79
CA TYR B 72 12.00 13.22 -11.73
C TYR B 72 12.50 13.56 -13.15
N ARG B 73 11.77 13.10 -14.15
CA ARG B 73 12.17 13.20 -15.55
C ARG B 73 12.31 14.62 -16.03
N ASN B 74 11.58 15.56 -15.46
CA ASN B 74 11.65 16.96 -15.91
C ASN B 74 11.65 17.87 -14.70
N LYS B 75 12.77 18.45 -14.42
CA LYS B 75 12.92 19.27 -13.22
C LYS B 75 12.35 20.69 -13.37
N HIS B 76 11.71 21.01 -14.52
CA HIS B 76 11.20 22.32 -14.81
C HIS B 76 9.67 22.35 -14.66
N ILE B 77 9.09 21.32 -14.05
CA ILE B 77 7.63 21.37 -13.84
C ILE B 77 7.26 22.50 -12.91
N ARG B 78 6.04 22.96 -13.05
CA ARG B 78 5.56 24.05 -12.20
C ARG B 78 4.40 23.65 -11.30
N THR B 79 3.89 22.45 -11.46
CA THR B 79 2.86 21.91 -10.58
C THR B 79 3.26 20.51 -10.18
N PRO B 80 2.74 19.99 -9.07
CA PRO B 80 3.14 18.63 -8.65
C PRO B 80 2.71 17.54 -9.63
N VAL B 81 3.49 16.46 -9.70
CA VAL B 81 3.17 15.36 -10.61
C VAL B 81 3.02 14.09 -9.79
N LYS B 82 1.86 13.43 -9.95
CA LYS B 82 1.62 12.15 -9.27
C LYS B 82 2.24 11.01 -10.08
N VAL B 83 3.00 10.14 -9.42
CA VAL B 83 3.64 8.99 -10.04
C VAL B 83 3.32 7.75 -9.21
N ASN B 84 3.81 6.60 -9.67
CA ASN B 84 3.68 5.35 -8.93
C ASN B 84 5.05 4.74 -8.70
N PHE B 85 5.11 3.76 -7.83
CA PHE B 85 6.28 2.83 -7.84
C PHE B 85 5.84 1.46 -7.40
N TYR B 86 6.62 0.45 -7.78
CA TYR B 86 6.37 -0.91 -7.35
C TYR B 86 7.65 -1.62 -7.01
N VAL B 87 7.50 -2.71 -6.24
CA VAL B 87 8.60 -3.66 -5.98
C VAL B 87 8.40 -4.87 -6.89
N ILE B 88 9.47 -5.36 -7.51
CA ILE B 88 9.37 -6.50 -8.39
C ILE B 88 10.49 -7.50 -8.07
N ASN B 89 10.12 -8.80 -7.95
CA ASN B 89 11.04 -9.91 -7.74
C ASN B 89 11.06 -10.73 -9.01
N GLY B 90 12.23 -10.80 -9.64
CA GLY B 90 12.30 -11.57 -10.89
C GLY B 90 11.59 -10.83 -12.00
N LYS B 91 11.08 -11.61 -12.95
CA LYS B 91 10.55 -10.97 -14.16
C LYS B 91 9.11 -10.53 -14.03
N ARG B 92 8.33 -11.15 -13.15
CA ARG B 92 6.90 -10.77 -13.21
C ARG B 92 6.17 -10.61 -11.89
N LYS B 93 6.72 -11.04 -10.77
CA LYS B 93 6.03 -10.91 -9.49
C LYS B 93 6.23 -9.54 -8.90
N ARG B 94 5.18 -8.71 -9.02
CA ARG B 94 5.28 -7.33 -8.57
C ARG B 94 4.23 -6.95 -7.53
N SER B 95 4.57 -5.97 -6.72
CA SER B 95 3.57 -5.42 -5.82
C SER B 95 2.56 -4.62 -6.63
N GLN B 96 1.42 -4.31 -6.02
CA GLN B 96 0.54 -3.37 -6.58
C GLN B 96 1.18 -1.98 -6.59
N PRO B 97 0.71 -1.07 -7.47
CA PRO B 97 1.35 0.26 -7.53
C PRO B 97 1.11 1.05 -6.22
N GLN B 98 2.14 1.69 -5.75
CA GLN B 98 2.14 2.60 -4.64
C GLN B 98 2.14 4.00 -5.25
N HIS B 99 1.79 4.99 -4.44
CA HIS B 99 1.65 6.39 -4.88
C HIS B 99 2.79 7.22 -4.35
N PHE B 100 3.15 8.26 -5.13
CA PHE B 100 4.25 9.16 -4.79
C PHE B 100 3.99 10.45 -5.56
N THR B 101 4.40 11.58 -5.02
CA THR B 101 4.27 12.87 -5.71
C THR B 101 5.58 13.61 -5.76
N TYR B 102 5.95 14.10 -6.95
CA TYR B 102 7.10 14.99 -7.07
C TYR B 102 6.61 16.45 -7.07
N HIS B 103 7.33 17.29 -6.36
CA HIS B 103 6.98 18.73 -6.20
C HIS B 103 7.99 19.59 -6.96
N PRO B 104 7.52 20.70 -7.55
CA PRO B 104 8.40 21.58 -8.31
C PRO B 104 9.38 22.35 -7.43
N VAL B 105 10.41 22.81 -8.09
CA VAL B 105 11.42 23.72 -7.51
C VAL B 105 11.53 25.08 -8.25
#